data_5FE4
#
_entry.id   5FE4
#
_cell.length_a   99.252
_cell.length_b   99.252
_cell.length_c   100.612
_cell.angle_alpha   90.00
_cell.angle_beta   90.00
_cell.angle_gamma   120.00
#
_symmetry.space_group_name_H-M   'H 3'
#
loop_
_entity.id
_entity.type
_entity.pdbx_description
1 polymer 'Histone acetyltransferase KAT2B'
2 non-polymer 1,2-ETHANEDIOL
3 non-polymer 2,3-dihydro-1,4-benzodioxine-5-carboxamide
4 water water
#
_entity_poly.entity_id   1
_entity_poly.type   'polypeptide(L)'
_entity_poly.pdbx_seq_one_letter_code
;SMGKEKSKEPRDPDQLYSTLKSILQQVKSHQSAWPFMEPVKRTEAPGYYEVIRFPMDLKTMSERLKNRYYVSKKLFMADL
QRVFTNCKEYNPPESEYYKCANILEKFFFSKIKEAGLID
;
_entity_poly.pdbx_strand_id   A,B
#
loop_
_chem_comp.id
_chem_comp.type
_chem_comp.name
_chem_comp.formula
5WY non-polymer 2,3-dihydro-1,4-benzodioxine-5-carboxamide 'C9 H9 N O3'
EDO non-polymer 1,2-ETHANEDIOL 'C2 H6 O2'
#
# COMPACT_ATOMS: atom_id res chain seq x y z
N ASP A 12 26.15 6.52 -1.72
CA ASP A 12 26.69 6.56 -0.31
C ASP A 12 25.81 5.71 0.64
N PRO A 13 26.38 4.60 1.19
CA PRO A 13 25.74 3.75 2.23
C PRO A 13 25.27 4.49 3.50
N ASP A 14 26.13 5.35 4.04
CA ASP A 14 25.84 6.04 5.30
C ASP A 14 24.88 7.21 5.10
N GLN A 15 24.78 7.67 3.86
CA GLN A 15 23.81 8.67 3.48
C GLN A 15 22.41 8.06 3.56
N LEU A 16 22.25 6.90 2.91
CA LEU A 16 20.98 6.18 2.89
C LEU A 16 20.56 5.81 4.34
N TYR A 17 21.49 5.18 5.06
CA TYR A 17 21.29 4.86 6.47
C TYR A 17 20.81 6.05 7.27
N SER A 18 21.48 7.20 7.11
CA SER A 18 21.14 8.40 7.88
C SER A 18 19.77 8.92 7.57
N THR A 19 19.45 8.95 6.27
CA THR A 19 18.16 9.41 5.81
C THR A 19 17.01 8.50 6.30
N LEU A 20 17.18 7.19 6.15
CA LEU A 20 16.13 6.24 6.53
C LEU A 20 15.88 6.27 8.04
N LYS A 21 16.96 6.36 8.81
CA LYS A 21 16.89 6.50 10.27
C LYS A 21 16.14 7.74 10.71
N SER A 22 16.47 8.89 10.10
CA SER A 22 15.71 10.09 10.38
C SER A 22 14.22 9.87 10.08
N ILE A 23 13.93 9.38 8.87
CA ILE A 23 12.54 9.15 8.47
C ILE A 23 11.83 8.17 9.42
N LEU A 24 12.47 7.05 9.71
CA LEU A 24 11.87 6.06 10.60
C LEU A 24 11.59 6.66 11.98
N GLN A 25 12.50 7.46 12.52
CA GLN A 25 12.30 8.06 13.85
C GLN A 25 11.14 9.07 13.88
N GLN A 26 11.01 9.84 12.81
CA GLN A 26 9.88 10.74 12.69
C GLN A 26 8.54 9.98 12.63
N VAL A 27 8.52 8.91 11.85
CA VAL A 27 7.32 8.08 11.75
C VAL A 27 6.95 7.50 13.13
N LYS A 28 7.94 6.98 13.84
CA LYS A 28 7.74 6.49 15.18
C LYS A 28 7.25 7.48 16.19
N SER A 29 7.63 8.76 16.07
CA SER A 29 7.21 9.78 17.01
C SER A 29 5.85 10.34 16.73
N HIS A 30 5.31 10.05 15.58
CA HIS A 30 4.03 10.62 15.17
C HIS A 30 2.92 10.04 16.12
N GLN A 31 1.89 10.81 16.38
CA GLN A 31 0.85 10.41 17.32
C GLN A 31 -0.07 9.29 16.79
N SER A 32 -0.05 9.03 15.49
CA SER A 32 -0.80 7.93 14.89
C SER A 32 0.02 6.65 14.75
N ALA A 33 1.28 6.66 15.21
CA ALA A 33 2.12 5.47 15.08
C ALA A 33 1.87 4.42 16.14
N TRP A 34 1.15 4.78 17.19
CA TRP A 34 1.04 3.91 18.36
C TRP A 34 0.56 2.47 18.06
N PRO A 35 -0.34 2.25 17.06
CA PRO A 35 -0.76 0.87 16.79
C PRO A 35 0.30 -0.01 16.16
N PHE A 36 1.40 0.60 15.66
CA PHE A 36 2.39 -0.07 14.83
C PHE A 36 3.75 -0.16 15.46
N MET A 37 3.84 0.18 16.75
CA MET A 37 5.16 0.32 17.40
C MET A 37 5.87 -1.03 17.63
N GLU A 38 5.11 -2.07 17.89
CA GLU A 38 5.68 -3.41 18.18
C GLU A 38 4.84 -4.47 17.51
N PRO A 39 5.33 -5.73 17.42
CA PRO A 39 4.45 -6.80 16.93
C PRO A 39 3.09 -6.83 17.59
N VAL A 40 2.07 -7.06 16.81
CA VAL A 40 0.72 -7.23 17.35
C VAL A 40 0.79 -8.44 18.32
N LYS A 41 0.27 -8.26 19.52
CA LYS A 41 0.21 -9.32 20.53
CA LYS A 41 0.21 -9.32 20.53
C LYS A 41 -0.96 -10.24 20.27
N ARG A 42 -0.75 -11.52 20.46
CA ARG A 42 -1.87 -12.51 20.36
C ARG A 42 -3.08 -12.10 21.22
N THR A 43 -2.80 -11.62 22.44
CA THR A 43 -3.88 -11.21 23.33
C THR A 43 -4.63 -9.99 22.79
N GLU A 44 -3.96 -9.12 22.04
CA GLU A 44 -4.58 -7.96 21.38
C GLU A 44 -5.46 -8.34 20.16
N ALA A 45 -5.09 -9.44 19.51
CA ALA A 45 -5.75 -9.87 18.30
C ALA A 45 -5.60 -11.41 18.14
N PRO A 46 -6.37 -12.20 18.91
CA PRO A 46 -6.24 -13.68 18.81
C PRO A 46 -6.45 -14.20 17.35
N GLY A 47 -5.55 -15.02 16.86
CA GLY A 47 -5.62 -15.46 15.41
C GLY A 47 -5.24 -14.41 14.35
N TYR A 48 -4.59 -13.32 14.79
CA TYR A 48 -3.96 -12.38 13.89
C TYR A 48 -2.94 -13.09 13.00
N TYR A 49 -2.10 -13.90 13.65
CA TYR A 49 -0.98 -14.59 13.02
C TYR A 49 -1.41 -15.77 12.16
N GLU A 50 -2.71 -16.05 12.13
CA GLU A 50 -3.26 -17.01 11.17
C GLU A 50 -3.74 -16.32 9.89
N VAL A 51 -4.11 -15.04 10.01
CA VAL A 51 -4.58 -14.25 8.88
C VAL A 51 -3.43 -13.49 8.19
N ILE A 52 -2.58 -12.83 8.96
CA ILE A 52 -1.50 -12.00 8.44
C ILE A 52 -0.25 -12.84 8.32
N ARG A 53 0.10 -13.20 7.09
CA ARG A 53 1.26 -14.04 6.82
C ARG A 53 2.61 -13.34 6.87
N PHE A 54 2.64 -12.04 6.60
CA PHE A 54 3.87 -11.25 6.65
C PHE A 54 3.77 -10.08 7.64
N PRO A 55 3.82 -10.36 8.95
CA PRO A 55 3.72 -9.30 9.95
C PRO A 55 4.90 -8.34 9.89
N MET A 56 4.65 -7.09 10.22
CA MET A 56 5.69 -6.11 10.25
C MET A 56 5.27 -4.99 11.18
N ASP A 57 6.25 -4.39 11.82
CA ASP A 57 6.01 -3.30 12.78
C ASP A 57 7.24 -2.44 12.85
N LEU A 58 7.13 -1.29 13.49
CA LEU A 58 8.21 -0.32 13.52
C LEU A 58 9.41 -0.72 14.37
N LYS A 59 9.22 -1.54 15.40
CA LYS A 59 10.33 -2.05 16.17
C LYS A 59 11.18 -2.99 15.34
N THR A 60 10.52 -3.93 14.68
CA THR A 60 11.19 -4.85 13.75
C THR A 60 11.95 -4.03 12.67
N MET A 61 11.34 -2.96 12.18
CA MET A 61 12.00 -2.09 11.17
C MET A 61 13.25 -1.39 11.72
N SER A 62 13.16 -0.88 12.94
CA SER A 62 14.31 -0.32 13.67
C SER A 62 15.49 -1.25 13.78
N GLU A 63 15.20 -2.51 14.11
CA GLU A 63 16.20 -3.53 14.19
C GLU A 63 16.80 -3.85 12.82
N ARG A 64 15.93 -4.05 11.82
CA ARG A 64 16.36 -4.27 10.45
C ARG A 64 17.29 -3.16 9.98
N LEU A 65 16.90 -1.91 10.23
CA LEU A 65 17.75 -0.76 9.94
C LEU A 65 19.11 -0.85 10.64
N LYS A 66 19.10 -1.09 11.95
CA LYS A 66 20.34 -1.28 12.74
C LYS A 66 21.21 -2.42 12.22
N ASN A 67 20.55 -3.47 11.76
CA ASN A 67 21.21 -4.62 11.17
C ASN A 67 21.66 -4.40 9.71
N ARG A 68 21.55 -3.18 9.18
CA ARG A 68 22.03 -2.84 7.83
C ARG A 68 21.32 -3.63 6.73
N TYR A 69 20.06 -3.96 6.97
CA TYR A 69 19.21 -4.63 6.00
C TYR A 69 18.73 -3.68 4.87
N TYR A 70 18.46 -2.43 5.21
CA TYR A 70 17.89 -1.51 4.23
C TYR A 70 18.99 -0.91 3.32
N VAL A 71 19.52 -1.75 2.42
CA VAL A 71 20.49 -1.33 1.43
C VAL A 71 19.89 -0.52 0.25
N SER A 72 18.56 -0.39 0.19
CA SER A 72 17.90 0.35 -0.87
C SER A 72 16.61 0.93 -0.34
N LYS A 73 16.16 1.98 -1.02
CA LYS A 73 14.85 2.58 -0.77
C LYS A 73 13.73 1.56 -0.86
N LYS A 74 13.73 0.80 -1.96
CA LYS A 74 12.74 -0.25 -2.22
C LYS A 74 12.48 -1.13 -0.99
N LEU A 75 13.53 -1.59 -0.34
CA LEU A 75 13.38 -2.52 0.82
C LEU A 75 12.66 -1.84 2.00
N PHE A 76 13.07 -0.60 2.29
CA PHE A 76 12.49 0.20 3.33
C PHE A 76 11.00 0.44 3.07
N MET A 77 10.68 0.90 1.88
CA MET A 77 9.30 1.16 1.46
C MET A 77 8.45 -0.11 1.56
N ALA A 78 8.99 -1.25 1.11
CA ALA A 78 8.22 -2.48 1.10
C ALA A 78 7.77 -2.83 2.56
N ASP A 79 8.67 -2.68 3.52
CA ASP A 79 8.40 -3.00 4.94
C ASP A 79 7.41 -2.04 5.56
N LEU A 80 7.62 -0.76 5.33
CA LEU A 80 6.68 0.20 5.90
C LEU A 80 5.33 0.07 5.24
N GLN A 81 5.30 -0.13 3.93
CA GLN A 81 4.01 -0.34 3.28
C GLN A 81 3.28 -1.58 3.85
N ARG A 82 4.01 -2.63 4.11
CA ARG A 82 3.47 -3.87 4.69
C ARG A 82 2.76 -3.63 6.01
N VAL A 83 3.31 -2.70 6.79
CA VAL A 83 2.71 -2.33 8.06
C VAL A 83 1.29 -1.82 7.77
N PHE A 84 1.15 -0.97 6.74
CA PHE A 84 -0.17 -0.39 6.39
C PHE A 84 -1.13 -1.36 5.77
N THR A 85 -0.62 -2.22 4.89
CA THR A 85 -1.45 -3.18 4.21
C THR A 85 -1.92 -4.32 5.16
N ASN A 86 -1.07 -4.74 6.10
CA ASN A 86 -1.52 -5.65 7.18
C ASN A 86 -2.68 -5.03 7.95
N CYS A 87 -2.50 -3.77 8.34
CA CYS A 87 -3.50 -3.10 9.11
C CYS A 87 -4.84 -3.06 8.36
N LYS A 88 -4.80 -2.71 7.06
CA LYS A 88 -6.02 -2.56 6.28
C LYS A 88 -6.67 -3.86 5.85
N GLU A 89 -5.89 -4.91 5.65
CA GLU A 89 -6.43 -6.24 5.51
C GLU A 89 -7.14 -6.75 6.77
N TYR A 90 -6.56 -6.51 7.93
CA TYR A 90 -7.08 -7.12 9.17
C TYR A 90 -8.28 -6.37 9.72
N ASN A 91 -8.23 -5.04 9.70
CA ASN A 91 -9.18 -4.18 10.37
C ASN A 91 -10.29 -3.58 9.49
N PRO A 92 -11.50 -3.39 10.08
CA PRO A 92 -12.54 -2.65 9.40
C PRO A 92 -12.12 -1.21 8.99
N PRO A 93 -12.68 -0.68 7.87
CA PRO A 93 -12.31 0.62 7.28
C PRO A 93 -12.52 1.83 8.16
N GLU A 94 -13.49 1.76 9.05
CA GLU A 94 -13.76 2.86 9.95
C GLU A 94 -13.19 2.61 11.36
N SER A 95 -12.40 1.55 11.55
CA SER A 95 -11.71 1.34 12.81
C SER A 95 -10.63 2.39 12.98
N GLU A 96 -10.34 2.69 14.25
CA GLU A 96 -9.28 3.59 14.61
C GLU A 96 -7.94 3.14 14.06
N TYR A 97 -7.68 1.85 14.02
CA TYR A 97 -6.39 1.37 13.54
C TYR A 97 -6.25 1.69 12.03
N TYR A 98 -7.33 1.48 11.27
CA TYR A 98 -7.33 1.78 9.84
C TYR A 98 -7.11 3.30 9.66
N LYS A 99 -7.83 4.14 10.40
CA LYS A 99 -7.65 5.58 10.33
C LYS A 99 -6.20 5.99 10.61
N CYS A 100 -5.62 5.43 11.69
CA CYS A 100 -4.21 5.66 12.01
C CYS A 100 -3.28 5.31 10.82
N ALA A 101 -3.50 4.18 10.20
CA ALA A 101 -2.65 3.76 9.09
C ALA A 101 -2.65 4.80 7.95
N ASN A 102 -3.80 5.37 7.60
CA ASN A 102 -3.86 6.29 6.47
C ASN A 102 -3.26 7.64 6.82
N ILE A 103 -3.47 8.05 8.05
CA ILE A 103 -2.85 9.29 8.55
C ILE A 103 -1.31 9.15 8.54
N LEU A 104 -0.83 8.08 9.13
CA LEU A 104 0.60 7.86 9.17
C LEU A 104 1.23 7.66 7.78
N GLU A 105 0.54 6.94 6.92
CA GLU A 105 0.96 6.80 5.52
C GLU A 105 1.12 8.14 4.81
N LYS A 106 0.17 9.04 4.98
CA LYS A 106 0.31 10.39 4.43
C LYS A 106 1.58 11.06 4.94
N PHE A 107 1.78 10.98 6.24
CA PHE A 107 2.93 11.60 6.88
C PHE A 107 4.22 10.99 6.29
N PHE A 108 4.26 9.68 6.22
CA PHE A 108 5.36 8.92 5.64
C PHE A 108 5.73 9.38 4.23
N PHE A 109 4.74 9.49 3.37
CA PHE A 109 5.02 9.96 2.01
C PHE A 109 5.55 11.40 1.96
N SER A 110 5.03 12.31 2.81
CA SER A 110 5.58 13.68 2.86
CA SER A 110 5.56 13.67 2.89
C SER A 110 7.04 13.63 3.28
N LYS A 111 7.37 12.75 4.23
CA LYS A 111 8.77 12.62 4.65
C LYS A 111 9.72 12.04 3.60
N ILE A 112 9.31 11.03 2.86
CA ILE A 112 10.07 10.50 1.69
C ILE A 112 10.31 11.59 0.60
N LYS A 113 9.29 12.35 0.33
CA LYS A 113 9.35 13.43 -0.64
C LYS A 113 10.19 14.58 -0.15
N GLU A 114 9.96 14.99 1.09
CA GLU A 114 10.80 15.98 1.75
C GLU A 114 12.28 15.60 1.70
N ALA A 115 12.60 14.32 1.85
CA ALA A 115 13.99 13.85 1.76
C ALA A 115 14.57 13.74 0.33
N GLY A 116 13.73 13.84 -0.71
CA GLY A 116 14.17 13.58 -2.08
C GLY A 116 14.60 12.14 -2.31
N LEU A 117 14.12 11.23 -1.47
CA LEU A 117 14.64 9.88 -1.46
C LEU A 117 14.05 9.18 -2.67
N ILE A 118 14.92 8.92 -3.62
CA ILE A 118 14.58 8.30 -4.89
C ILE A 118 15.38 7.00 -4.98
N ASP A 119 15.07 6.28 -6.05
CA ASP A 119 15.49 4.88 -6.16
C ASP A 119 16.52 4.76 -7.25
N ASP B 12 -17.30 -22.65 -12.42
CA ASP B 12 -16.55 -23.46 -11.42
C ASP B 12 -15.02 -23.56 -11.73
N PRO B 13 -14.62 -23.98 -12.96
CA PRO B 13 -13.20 -23.79 -13.38
C PRO B 13 -12.72 -22.31 -13.45
N ASP B 14 -13.57 -21.45 -14.02
CA ASP B 14 -13.39 -19.98 -14.00
C ASP B 14 -14.01 -19.29 -12.81
N GLN B 15 -13.83 -19.85 -11.63
CA GLN B 15 -14.36 -19.25 -10.39
C GLN B 15 -13.55 -18.00 -10.04
N LEU B 16 -12.23 -18.15 -10.02
CA LEU B 16 -11.34 -17.06 -9.73
C LEU B 16 -11.53 -15.93 -10.77
N TYR B 17 -11.45 -16.30 -12.05
CA TYR B 17 -11.66 -15.38 -13.16
C TYR B 17 -12.95 -14.60 -12.98
N SER B 18 -14.04 -15.30 -12.67
CA SER B 18 -15.34 -14.66 -12.50
C SER B 18 -15.37 -13.68 -11.37
N THR B 19 -14.80 -14.09 -10.23
CA THR B 19 -14.77 -13.25 -9.01
C THR B 19 -13.93 -12.00 -9.25
N LEU B 20 -12.75 -12.16 -9.84
CA LEU B 20 -11.87 -11.04 -10.08
C LEU B 20 -12.47 -10.04 -11.05
N LYS B 21 -13.10 -10.55 -12.11
CA LYS B 21 -13.79 -9.74 -13.10
C LYS B 21 -14.92 -8.93 -12.50
N SER B 22 -15.73 -9.57 -11.68
CA SER B 22 -16.78 -8.86 -10.96
C SER B 22 -16.16 -7.73 -10.13
N ILE B 23 -15.15 -8.08 -9.32
CA ILE B 23 -14.47 -7.11 -8.47
C ILE B 23 -13.87 -5.96 -9.29
N LEU B 24 -13.11 -6.30 -10.32
CA LEU B 24 -12.49 -5.27 -11.16
C LEU B 24 -13.53 -4.35 -11.80
N GLN B 25 -14.67 -4.89 -12.24
CA GLN B 25 -15.71 -4.04 -12.82
C GLN B 25 -16.31 -3.09 -11.84
N GLN B 26 -16.58 -3.58 -10.63
CA GLN B 26 -17.13 -2.73 -9.57
C GLN B 26 -16.15 -1.61 -9.24
N VAL B 27 -14.87 -1.94 -9.15
CA VAL B 27 -13.87 -0.93 -8.92
C VAL B 27 -13.84 0.15 -10.07
N LYS B 28 -13.83 -0.33 -11.31
CA LYS B 28 -13.89 0.58 -12.50
C LYS B 28 -15.11 1.45 -12.60
N SER B 29 -16.26 0.96 -12.13
CA SER B 29 -17.50 1.74 -12.15
C SER B 29 -17.65 2.70 -10.99
N HIS B 30 -16.78 2.60 -9.98
CA HIS B 30 -16.86 3.44 -8.81
C HIS B 30 -16.57 4.89 -9.23
N GLN B 31 -17.19 5.85 -8.58
CA GLN B 31 -17.03 7.24 -8.96
C GLN B 31 -15.65 7.82 -8.62
N SER B 32 -14.86 7.14 -7.81
CA SER B 32 -13.52 7.56 -7.46
C SER B 32 -12.43 6.83 -8.29
N ALA B 33 -12.84 5.99 -9.23
CA ALA B 33 -11.90 5.30 -10.12
C ALA B 33 -11.29 6.13 -11.25
N TRP B 34 -11.88 7.28 -11.54
CA TRP B 34 -11.55 8.04 -12.76
C TRP B 34 -10.07 8.37 -12.92
N PRO B 35 -9.34 8.65 -11.82
CA PRO B 35 -7.92 8.93 -12.01
C PRO B 35 -7.05 7.74 -12.44
N PHE B 36 -7.58 6.52 -12.30
CA PHE B 36 -6.81 5.30 -12.44
C PHE B 36 -7.18 4.48 -13.69
N MET B 37 -7.97 5.07 -14.58
CA MET B 37 -8.60 4.30 -15.65
C MET B 37 -7.62 3.96 -16.77
N GLU B 38 -6.61 4.79 -17.01
CA GLU B 38 -5.56 4.52 -17.99
C GLU B 38 -4.15 4.91 -17.48
N PRO B 39 -3.08 4.45 -18.17
CA PRO B 39 -1.72 4.88 -17.81
C PRO B 39 -1.51 6.38 -17.67
N VAL B 40 -0.79 6.75 -16.61
CA VAL B 40 -0.45 8.14 -16.38
C VAL B 40 0.38 8.56 -17.59
N LYS B 41 0.06 9.71 -18.17
CA LYS B 41 0.82 10.24 -19.31
C LYS B 41 2.03 11.00 -18.78
N ARG B 42 3.19 10.74 -19.37
CA ARG B 42 4.42 11.40 -18.97
C ARG B 42 4.29 12.91 -19.16
N THR B 43 3.55 13.34 -20.19
CA THR B 43 3.38 14.77 -20.45
C THR B 43 2.64 15.46 -19.32
N GLU B 44 1.71 14.77 -18.68
CA GLU B 44 0.96 15.43 -17.63
C GLU B 44 1.29 14.98 -16.24
N ALA B 45 2.46 14.38 -16.03
CA ALA B 45 2.99 14.18 -14.67
C ALA B 45 4.51 14.28 -14.55
N PRO B 46 5.03 15.50 -14.32
CA PRO B 46 6.47 15.67 -14.34
C PRO B 46 7.21 14.78 -13.32
N GLY B 47 8.25 14.11 -13.80
CA GLY B 47 9.06 13.31 -12.93
C GLY B 47 8.40 12.01 -12.51
N TYR B 48 7.22 11.69 -13.04
CA TYR B 48 6.47 10.53 -12.57
C TYR B 48 7.25 9.22 -12.78
N TYR B 49 7.67 8.99 -14.02
CA TYR B 49 8.32 7.73 -14.40
C TYR B 49 9.75 7.59 -13.90
N GLU B 50 10.29 8.62 -13.23
CA GLU B 50 11.55 8.48 -12.50
C GLU B 50 11.32 8.02 -11.06
N VAL B 51 10.16 8.36 -10.50
CA VAL B 51 9.83 8.01 -9.10
C VAL B 51 9.09 6.67 -9.02
N ILE B 52 8.12 6.48 -9.91
CA ILE B 52 7.28 5.31 -9.91
C ILE B 52 7.85 4.27 -10.89
N ARG B 53 8.52 3.25 -10.33
CA ARG B 53 9.15 2.21 -11.13
C ARG B 53 8.20 1.15 -11.69
N PHE B 54 7.08 0.90 -11.01
CA PHE B 54 6.08 -0.10 -11.50
C PHE B 54 4.69 0.53 -11.67
N PRO B 55 4.52 1.31 -12.74
CA PRO B 55 3.21 1.92 -12.97
C PRO B 55 2.11 0.88 -13.19
N MET B 56 0.90 1.22 -12.81
CA MET B 56 -0.23 0.30 -13.02
C MET B 56 -1.49 1.11 -13.09
N ASP B 57 -2.49 0.59 -13.81
CA ASP B 57 -3.77 1.27 -13.99
C ASP B 57 -4.81 0.22 -14.31
N LEU B 58 -6.06 0.64 -14.31
CA LEU B 58 -7.18 -0.30 -14.41
C LEU B 58 -7.42 -0.83 -15.84
N LYS B 59 -7.06 -0.06 -16.87
CA LYS B 59 -7.06 -0.57 -18.23
C LYS B 59 -6.07 -1.72 -18.40
N THR B 60 -4.83 -1.51 -17.97
CA THR B 60 -3.80 -2.56 -17.98
C THR B 60 -4.29 -3.79 -17.18
N MET B 61 -4.94 -3.57 -16.04
CA MET B 61 -5.43 -4.69 -15.22
C MET B 61 -6.50 -5.50 -15.94
N SER B 62 -7.44 -4.80 -16.57
CA SER B 62 -8.45 -5.42 -17.44
C SER B 62 -7.85 -6.32 -18.49
N GLU B 63 -6.82 -5.83 -19.12
CA GLU B 63 -6.07 -6.58 -20.13
C GLU B 63 -5.39 -7.79 -19.56
N ARG B 64 -4.69 -7.58 -18.44
CA ARG B 64 -4.06 -8.69 -17.73
C ARG B 64 -5.07 -9.76 -17.40
N LEU B 65 -6.22 -9.35 -16.88
CA LEU B 65 -7.30 -10.27 -16.55
C LEU B 65 -7.80 -11.05 -17.75
N LYS B 66 -8.11 -10.33 -18.82
CA LYS B 66 -8.50 -10.94 -20.10
C LYS B 66 -7.45 -11.88 -20.61
N ASN B 67 -6.19 -11.51 -20.41
CA ASN B 67 -5.04 -12.35 -20.81
C ASN B 67 -4.76 -13.55 -19.87
N ARG B 68 -5.61 -13.79 -18.86
CA ARG B 68 -5.47 -14.93 -17.93
C ARG B 68 -4.16 -14.87 -17.14
N TYR B 69 -3.72 -13.65 -16.83
CA TYR B 69 -2.52 -13.42 -16.02
C TYR B 69 -2.80 -13.64 -14.54
N TYR B 70 -4.02 -13.27 -14.09
CA TYR B 70 -4.34 -13.36 -12.67
C TYR B 70 -4.71 -14.80 -12.27
N VAL B 71 -3.71 -15.68 -12.25
CA VAL B 71 -3.89 -17.07 -11.81
C VAL B 71 -4.04 -17.24 -10.27
N SER B 72 -3.87 -16.16 -9.51
CA SER B 72 -3.99 -16.19 -8.07
C SER B 72 -4.50 -14.86 -7.59
N LYS B 73 -5.11 -14.89 -6.41
CA LYS B 73 -5.53 -13.68 -5.72
C LYS B 73 -4.38 -12.73 -5.45
N LYS B 74 -3.26 -13.26 -5.01
CA LYS B 74 -2.04 -12.48 -4.77
C LYS B 74 -1.65 -11.58 -5.92
N LEU B 75 -1.66 -12.12 -7.14
CA LEU B 75 -1.26 -11.31 -8.33
C LEU B 75 -2.20 -10.13 -8.57
N PHE B 76 -3.50 -10.38 -8.47
CA PHE B 76 -4.52 -9.36 -8.57
C PHE B 76 -4.39 -8.26 -7.52
N MET B 77 -4.29 -8.66 -6.24
CA MET B 77 -4.09 -7.74 -5.11
C MET B 77 -2.87 -6.91 -5.23
N ALA B 78 -1.77 -7.52 -5.66
CA ALA B 78 -0.53 -6.77 -5.81
C ALA B 78 -0.69 -5.61 -6.79
N ASP B 79 -1.34 -5.89 -7.94
CA ASP B 79 -1.53 -4.89 -9.03
C ASP B 79 -2.46 -3.77 -8.58
N LEU B 80 -3.57 -4.13 -7.99
CA LEU B 80 -4.48 -3.10 -7.58
C LEU B 80 -3.94 -2.27 -6.42
N GLN B 81 -3.26 -2.92 -5.47
CA GLN B 81 -2.61 -2.15 -4.40
CA GLN B 81 -2.58 -2.17 -4.38
C GLN B 81 -1.59 -1.16 -4.97
N ARG B 82 -0.83 -1.60 -5.97
CA ARG B 82 0.17 -0.77 -6.66
CA ARG B 82 0.17 -0.73 -6.59
C ARG B 82 -0.45 0.51 -7.23
N VAL B 83 -1.67 0.40 -7.74
CA VAL B 83 -2.36 1.56 -8.31
C VAL B 83 -2.50 2.64 -7.22
N PHE B 84 -2.90 2.20 -6.03
CA PHE B 84 -3.04 3.14 -4.91
C PHE B 84 -1.76 3.68 -4.37
N THR B 85 -0.79 2.82 -4.19
CA THR B 85 0.46 3.24 -3.56
C THR B 85 1.27 4.16 -4.50
N ASN B 86 1.24 3.86 -5.81
CA ASN B 86 1.83 4.80 -6.81
C ASN B 86 1.20 6.18 -6.66
N CYS B 87 -0.12 6.22 -6.61
CA CYS B 87 -0.84 7.49 -6.52
C CYS B 87 -0.44 8.27 -5.24
N LYS B 88 -0.37 7.57 -4.11
CA LYS B 88 -0.14 8.22 -2.85
C LYS B 88 1.28 8.66 -2.65
N GLU B 89 2.24 7.93 -3.22
CA GLU B 89 3.59 8.43 -3.22
C GLU B 89 3.75 9.70 -4.05
N TYR B 90 3.13 9.74 -5.24
CA TYR B 90 3.37 10.84 -6.19
C TYR B 90 2.64 12.12 -5.82
N ASN B 91 1.40 12.00 -5.40
CA ASN B 91 0.55 13.17 -5.23
C ASN B 91 0.53 13.77 -3.81
N PRO B 92 0.34 15.11 -3.70
CA PRO B 92 0.12 15.73 -2.38
C PRO B 92 -1.07 15.10 -1.63
N PRO B 93 -0.96 15.00 -0.28
CA PRO B 93 -1.89 14.22 0.55
C PRO B 93 -3.34 14.74 0.52
N GLU B 94 -3.51 16.04 0.30
CA GLU B 94 -4.84 16.59 0.22
C GLU B 94 -5.27 16.82 -1.22
N SER B 95 -4.52 16.30 -2.20
CA SER B 95 -4.97 16.33 -3.60
C SER B 95 -6.18 15.44 -3.77
N GLU B 96 -7.00 15.78 -4.77
CA GLU B 96 -8.16 14.98 -5.16
C GLU B 96 -7.73 13.57 -5.58
N TYR B 97 -6.58 13.41 -6.22
CA TYR B 97 -6.13 12.06 -6.62
C TYR B 97 -5.86 11.20 -5.38
N TYR B 98 -5.20 11.78 -4.38
CA TYR B 98 -4.90 11.09 -3.12
C TYR B 98 -6.20 10.71 -2.43
N LYS B 99 -7.15 11.65 -2.29
CA LYS B 99 -8.48 11.36 -1.73
C LYS B 99 -9.16 10.18 -2.45
N CYS B 100 -9.15 10.23 -3.81
CA CYS B 100 -9.70 9.14 -4.62
C CYS B 100 -9.08 7.78 -4.36
N ALA B 101 -7.76 7.75 -4.27
CA ALA B 101 -7.07 6.51 -3.98
C ALA B 101 -7.51 5.85 -2.67
N ASN B 102 -7.70 6.64 -1.60
CA ASN B 102 -8.04 6.04 -0.30
C ASN B 102 -9.47 5.62 -0.23
N ILE B 103 -10.35 6.41 -0.88
CA ILE B 103 -11.73 6.02 -1.00
C ILE B 103 -11.84 4.72 -1.77
N LEU B 104 -11.21 4.65 -2.93
CA LEU B 104 -11.30 3.45 -3.76
C LEU B 104 -10.61 2.24 -3.12
N GLU B 105 -9.49 2.46 -2.49
CA GLU B 105 -8.84 1.40 -1.68
C GLU B 105 -9.74 0.82 -0.57
N LYS B 106 -10.45 1.69 0.15
CA LYS B 106 -11.44 1.22 1.12
C LYS B 106 -12.46 0.35 0.48
N PHE B 107 -12.98 0.81 -0.66
CA PHE B 107 -13.94 0.06 -1.39
C PHE B 107 -13.36 -1.31 -1.80
N PHE B 108 -12.17 -1.29 -2.35
CA PHE B 108 -11.45 -2.51 -2.78
C PHE B 108 -11.29 -3.55 -1.66
N PHE B 109 -10.84 -3.11 -0.47
CA PHE B 109 -10.70 -4.02 0.68
C PHE B 109 -12.04 -4.61 1.08
N SER B 110 -13.11 -3.81 1.10
CA SER B 110 -14.44 -4.34 1.41
C SER B 110 -14.83 -5.41 0.39
N LYS B 111 -14.57 -5.17 -0.89
CA LYS B 111 -14.93 -6.14 -1.92
C LYS B 111 -14.13 -7.44 -1.86
N ILE B 112 -12.82 -7.37 -1.62
CA ILE B 112 -12.02 -8.61 -1.51
C ILE B 112 -12.42 -9.43 -0.25
N LYS B 113 -12.76 -8.73 0.85
CA LYS B 113 -13.24 -9.35 2.08
C LYS B 113 -14.64 -9.94 1.87
N GLU B 114 -15.53 -9.14 1.28
CA GLU B 114 -16.86 -9.62 0.88
C GLU B 114 -16.80 -10.90 0.06
N ALA B 115 -15.83 -11.01 -0.86
CA ALA B 115 -15.68 -12.20 -1.71
C ALA B 115 -14.96 -13.41 -1.05
N GLY B 116 -14.37 -13.23 0.13
CA GLY B 116 -13.53 -14.26 0.75
C GLY B 116 -12.20 -14.52 0.05
N LEU B 117 -11.65 -13.52 -0.64
CA LEU B 117 -10.26 -13.62 -1.15
C LEU B 117 -9.16 -13.42 -0.10
N ILE B 118 -9.43 -12.61 0.93
CA ILE B 118 -8.58 -12.55 2.17
C ILE B 118 -9.41 -12.70 3.47
N ASP B 119 -8.71 -12.96 4.59
CA ASP B 119 -9.25 -13.25 5.96
C ASP B 119 -9.48 -14.74 6.15
C1 EDO C . -8.28 14.12 2.55
O1 EDO C . -9.72 14.08 2.66
C2 EDO C . -7.77 12.76 2.13
O2 EDO C . -6.51 12.76 1.43
C1 EDO D . 5.30 -12.54 16.62
O1 EDO D . 5.12 -13.93 16.87
C2 EDO D . 5.50 -11.80 17.94
O2 EDO D . 4.22 -11.43 18.48
CAE 5WY E . -4.90 -4.85 15.36
CAC 5WY E . -5.58 -5.36 16.49
CAD 5WY E . -5.16 -5.05 17.80
CAK 5WY E . -4.05 -4.24 17.94
OAH 5WY E . -3.60 -3.97 19.19
CAF 5WY E . -2.77 -2.84 19.32
CAG 5WY E . -1.69 -2.96 18.29
OAI 5WY E . -2.26 -2.95 16.96
CAM 5WY E . -3.37 -3.73 16.79
CAL 5WY E . -3.77 -4.02 15.45
CAJ 5WY E . -3.15 -3.52 14.24
OAB 5WY E . -3.66 -3.73 13.14
NAA 5WY E . -2.10 -2.72 14.31
C1 EDO F . -6.91 17.75 6.87
O1 EDO F . -5.67 17.29 7.42
C2 EDO F . -7.87 16.58 6.71
O2 EDO F . -7.36 15.66 5.73
C1 EDO G . -13.06 -5.64 -17.19
O1 EDO G . -11.65 -5.65 -17.01
C2 EDO G . -13.59 -6.86 -16.48
O2 EDO G . -14.57 -6.47 -15.51
C1 EDO H . -14.46 -13.97 -21.90
O1 EDO H . -13.05 -14.12 -21.68
C2 EDO H . -15.19 -13.77 -20.58
O2 EDO H . -14.70 -12.62 -19.89
CAE 5WY I . -1.06 11.76 -11.44
CAC 5WY I . -0.74 12.85 -12.25
CAD 5WY I . -1.52 13.15 -13.38
CAK 5WY I . -2.62 12.36 -13.70
OAH 5WY I . -3.39 12.64 -14.80
CAF 5WY I . -4.75 12.27 -14.63
CAG 5WY I . -4.72 10.76 -14.46
OAI 5WY I . -4.04 10.46 -13.20
CAM 5WY I . -2.94 11.25 -12.87
CAL 5WY I . -2.16 10.93 -11.72
CAJ 5WY I . -2.41 9.84 -10.83
OAB 5WY I . -1.63 9.59 -9.91
NAA 5WY I . -3.50 9.09 -11.01
#